data_6TIF
#
_entry.id   6TIF
#
_cell.length_a   38.788
_cell.length_b   58.619
_cell.length_c   74.449
_cell.angle_alpha   90.000
_cell.angle_beta   90.000
_cell.angle_gamma   90.000
#
_symmetry.space_group_name_H-M   'P 21 21 21'
#
loop_
_entity.id
_entity.type
_entity.pdbx_description
1 polymer 'UPF0297 protein lmo1503'
2 non-polymer 'SULFATE ION'
3 water water
#
_entity_poly.entity_id   1
_entity_poly.type   'polypeptide(L)'
_entity_poly.pdbx_seq_one_letter_code
;MDSKDQTMFYNFGDDSIEEDVKKLMKQVYVALEEKGYNPVNQIVGYLLSGDPAYIPRHKDARSMIRRLERDEIIEELVKA
YLKNNEIGEK
;
_entity_poly.pdbx_strand_id   B,A
#
loop_
_chem_comp.id
_chem_comp.type
_chem_comp.name
_chem_comp.formula
SO4 non-polymer 'SULFATE ION' 'O4 S -2'
#
# COMPACT_ATOMS: atom_id res chain seq x y z
N ASP A 2 -3.35 1.15 -27.75
CA ASP A 2 -2.86 0.20 -28.81
C ASP A 2 -2.66 -1.22 -28.24
N SER A 3 -3.43 -1.60 -27.21
CA SER A 3 -3.45 -2.95 -26.56
C SER A 3 -4.61 -3.79 -27.13
N LYS A 4 -4.51 -5.12 -27.18
CA LYS A 4 -5.59 -6.01 -27.67
C LYS A 4 -5.55 -7.36 -26.92
N ASP A 5 -6.42 -8.32 -27.28
CA ASP A 5 -6.46 -9.67 -26.67
C ASP A 5 -7.05 -10.70 -27.64
N GLN A 6 -6.36 -11.84 -27.77
CA GLN A 6 -6.75 -13.02 -28.59
C GLN A 6 -7.90 -13.75 -27.87
N THR A 7 -9.11 -13.61 -28.44
CA THR A 7 -10.39 -14.20 -27.99
C THR A 7 -10.50 -15.67 -28.44
N MET A 8 -9.48 -16.49 -28.11
CA MET A 8 -9.26 -17.91 -28.59
C MET A 8 -9.43 -18.99 -27.48
N PHE A 9 -9.66 -18.59 -26.22
CA PHE A 9 -10.00 -19.41 -25.02
C PHE A 9 -10.43 -18.43 -23.95
N TYR A 10 -11.10 -18.87 -22.90
CA TYR A 10 -11.48 -17.94 -21.82
C TYR A 10 -10.20 -17.55 -21.07
N ASN A 11 -10.00 -16.25 -21.02
CA ASN A 11 -8.76 -15.62 -20.52
C ASN A 11 -9.11 -14.93 -19.22
N PHE A 12 -8.48 -15.32 -18.11
CA PHE A 12 -8.82 -14.73 -16.80
C PHE A 12 -7.81 -13.68 -16.40
N GLY A 13 -6.96 -13.27 -17.35
CA GLY A 13 -6.11 -12.09 -17.20
C GLY A 13 -4.64 -12.42 -17.44
N ASP A 14 -3.99 -11.58 -18.21
CA ASP A 14 -2.55 -11.66 -18.56
C ASP A 14 -1.70 -10.74 -17.68
N ASP A 15 -2.31 -9.72 -17.05
CA ASP A 15 -1.55 -8.79 -16.17
C ASP A 15 -0.84 -9.57 -15.06
N SER A 16 0.35 -9.12 -14.71
CA SER A 16 1.07 -9.53 -13.47
C SER A 16 0.34 -8.91 -12.27
N ILE A 17 0.60 -9.39 -11.06
CA ILE A 17 0.02 -8.72 -9.85
C ILE A 17 0.46 -7.26 -9.83
N GLU A 18 1.73 -6.98 -10.14
CA GLU A 18 2.25 -5.60 -10.14
C GLU A 18 1.36 -4.74 -11.08
N GLU A 19 1.04 -5.24 -12.28
CA GLU A 19 0.19 -4.49 -13.24
C GLU A 19 -1.24 -4.32 -12.69
N ASP A 20 -1.79 -5.38 -12.08
CA ASP A 20 -3.16 -5.38 -11.56
C ASP A 20 -3.25 -4.33 -10.47
N VAL A 21 -2.29 -4.32 -9.54
CA VAL A 21 -2.34 -3.33 -8.43
C VAL A 21 -2.28 -1.91 -9.01
N LYS A 22 -1.42 -1.65 -9.97
CA LYS A 22 -1.31 -0.30 -10.56
C LYS A 22 -2.65 0.08 -11.18
N LYS A 23 -3.27 -0.85 -11.91
CA LYS A 23 -4.55 -0.56 -12.60
C LYS A 23 -5.62 -0.24 -11.56
N LEU A 24 -5.70 -1.05 -10.52
CA LEU A 24 -6.70 -0.87 -9.44
C LEU A 24 -6.50 0.50 -8.82
N MET A 25 -5.27 0.79 -8.44
CA MET A 25 -4.97 2.03 -7.68
C MET A 25 -5.32 3.25 -8.55
N LYS A 26 -5.00 3.17 -9.86
CA LYS A 26 -5.28 4.30 -10.79
C LYS A 26 -6.80 4.49 -10.94
N GLN A 27 -7.53 3.41 -11.21
CA GLN A 27 -9.00 3.48 -11.46
C GLN A 27 -9.67 4.05 -10.21
N VAL A 28 -9.31 3.56 -9.03
CA VAL A 28 -9.98 3.97 -7.78
C VAL A 28 -9.66 5.43 -7.50
N TYR A 29 -8.40 5.80 -7.64
CA TYR A 29 -7.93 7.18 -7.39
C TYR A 29 -8.71 8.14 -8.29
N VAL A 30 -8.74 7.88 -9.60
CA VAL A 30 -9.41 8.78 -10.59
C VAL A 30 -10.88 8.88 -10.21
N ALA A 31 -11.56 7.76 -9.95
CA ALA A 31 -13.02 7.76 -9.69
C ALA A 31 -13.31 8.66 -8.48
N LEU A 32 -12.52 8.48 -7.43
CA LEU A 32 -12.73 9.21 -6.16
C LEU A 32 -12.32 10.68 -6.31
N GLU A 33 -11.17 10.95 -6.90
CA GLU A 33 -10.61 12.33 -7.03
C GLU A 33 -11.59 13.20 -7.82
N GLU A 34 -12.17 12.65 -8.88
CA GLU A 34 -13.16 13.34 -9.76
C GLU A 34 -14.36 13.82 -8.93
N LYS A 35 -14.76 13.05 -7.92
CA LYS A 35 -16.00 13.29 -7.14
C LYS A 35 -15.69 14.04 -5.82
N GLY A 36 -14.45 14.47 -5.58
CA GLY A 36 -14.06 15.31 -4.42
C GLY A 36 -13.70 14.50 -3.18
N TYR A 37 -13.54 13.19 -3.31
CA TYR A 37 -13.18 12.33 -2.16
C TYR A 37 -11.67 12.34 -1.96
N ASN A 38 -11.26 12.07 -0.74
CA ASN A 38 -9.88 11.65 -0.39
C ASN A 38 -9.72 10.18 -0.75
N PRO A 39 -9.06 9.86 -1.87
CA PRO A 39 -8.97 8.46 -2.32
C PRO A 39 -8.16 7.57 -1.38
N VAL A 40 -7.13 8.13 -0.76
CA VAL A 40 -6.22 7.33 0.12
C VAL A 40 -7.07 6.74 1.26
N ASN A 41 -7.97 7.53 1.83
CA ASN A 41 -8.74 7.04 2.98
C ASN A 41 -9.63 5.85 2.57
N GLN A 42 -10.25 5.87 1.39
CA GLN A 42 -11.10 4.75 0.94
C GLN A 42 -10.23 3.51 0.72
N ILE A 43 -9.05 3.69 0.12
CA ILE A 43 -8.18 2.53 -0.20
C ILE A 43 -7.71 1.92 1.14
N VAL A 44 -7.32 2.77 2.09
CA VAL A 44 -6.86 2.29 3.43
C VAL A 44 -8.02 1.53 4.09
N GLY A 45 -9.24 2.10 4.10
CA GLY A 45 -10.39 1.45 4.72
C GLY A 45 -10.65 0.10 4.08
N TYR A 46 -10.52 0.01 2.75
CA TYR A 46 -10.68 -1.26 2.05
C TYR A 46 -9.62 -2.26 2.55
N LEU A 47 -8.36 -1.80 2.58
CA LEU A 47 -7.25 -2.74 2.92
C LEU A 47 -7.40 -3.25 4.35
N LEU A 48 -7.94 -2.44 5.27
CA LEU A 48 -8.16 -2.85 6.68
C LEU A 48 -9.36 -3.78 6.85
N SER A 49 -10.32 -3.79 5.92
CA SER A 49 -11.63 -4.46 6.13
C SER A 49 -11.86 -5.60 5.15
N GLY A 50 -11.51 -5.42 3.88
CA GLY A 50 -11.93 -6.28 2.76
C GLY A 50 -13.35 -6.03 2.31
N ASP A 51 -13.99 -4.95 2.78
CA ASP A 51 -15.40 -4.61 2.47
C ASP A 51 -15.40 -3.81 1.17
N PRO A 52 -15.96 -4.35 0.07
CA PRO A 52 -15.95 -3.65 -1.20
C PRO A 52 -16.75 -2.36 -1.17
N ALA A 53 -17.63 -2.16 -0.17
CA ALA A 53 -18.46 -0.92 -0.10
C ALA A 53 -17.58 0.32 -0.03
N TYR A 54 -16.31 0.22 0.40
CA TYR A 54 -15.36 1.36 0.42
C TYR A 54 -15.00 1.83 -1.00
N ILE A 55 -15.24 0.97 -2.00
CA ILE A 55 -14.75 1.17 -3.37
C ILE A 55 -15.94 1.49 -4.28
N PRO A 56 -15.88 2.59 -5.05
CA PRO A 56 -16.99 2.91 -5.96
C PRO A 56 -17.17 1.86 -7.04
N ARG A 57 -18.41 1.60 -7.44
CA ARG A 57 -18.72 0.76 -8.63
C ARG A 57 -18.41 1.62 -9.84
N HIS A 58 -17.23 1.45 -10.43
CA HIS A 58 -16.77 2.26 -11.58
C HIS A 58 -15.82 1.39 -12.38
N LYS A 59 -16.08 1.30 -13.68
CA LYS A 59 -15.42 0.31 -14.56
C LYS A 59 -15.41 -1.04 -13.81
N ASP A 60 -14.25 -1.69 -13.74
CA ASP A 60 -14.12 -3.07 -13.21
C ASP A 60 -13.40 -3.04 -11.86
N ALA A 61 -13.43 -1.88 -11.19
CA ALA A 61 -12.88 -1.69 -9.83
C ALA A 61 -13.24 -2.87 -8.93
N ARG A 62 -14.52 -3.23 -8.87
CA ARG A 62 -15.05 -4.24 -7.92
C ARG A 62 -14.51 -5.60 -8.37
N SER A 63 -14.40 -5.81 -9.70
CA SER A 63 -13.88 -7.06 -10.32
C SER A 63 -12.36 -7.16 -10.07
N MET A 64 -11.66 -6.04 -10.02
CA MET A 64 -10.20 -6.04 -9.73
CA MET A 64 -10.20 -6.05 -9.74
C MET A 64 -9.97 -6.42 -8.26
N ILE A 65 -10.77 -5.88 -7.33
CA ILE A 65 -10.62 -6.25 -5.89
C ILE A 65 -11.03 -7.71 -5.65
N ARG A 66 -12.00 -8.23 -6.41
CA ARG A 66 -12.45 -9.64 -6.35
C ARG A 66 -11.23 -10.51 -6.67
N ARG A 67 -10.50 -10.18 -7.75
CA ARG A 67 -9.37 -10.99 -8.30
C ARG A 67 -8.07 -10.86 -7.52
N LEU A 68 -7.86 -9.76 -6.80
CA LEU A 68 -6.64 -9.54 -6.01
C LEU A 68 -6.95 -9.92 -4.57
N GLU A 69 -5.96 -10.44 -3.88
CA GLU A 69 -6.05 -10.62 -2.42
C GLU A 69 -5.40 -9.39 -1.80
N ARG A 70 -5.86 -9.03 -0.62
CA ARG A 70 -5.26 -7.88 0.09
C ARG A 70 -3.80 -8.20 0.44
N ASP A 71 -3.43 -9.47 0.68
CA ASP A 71 -1.99 -9.75 1.00
C ASP A 71 -1.14 -9.36 -0.22
N GLU A 72 -1.64 -9.60 -1.42
CA GLU A 72 -0.92 -9.25 -2.67
C GLU A 72 -0.84 -7.74 -2.88
N ILE A 73 -1.94 -7.02 -2.65
CA ILE A 73 -1.93 -5.53 -2.79
C ILE A 73 -0.93 -4.94 -1.78
N ILE A 74 -1.02 -5.40 -0.54
CA ILE A 74 -0.13 -4.84 0.52
C ILE A 74 1.33 -5.23 0.25
N GLU A 75 1.58 -6.42 -0.29
CA GLU A 75 2.95 -6.83 -0.68
C GLU A 75 3.48 -5.86 -1.72
N GLU A 76 2.65 -5.55 -2.73
CA GLU A 76 3.11 -4.65 -3.80
C GLU A 76 3.39 -3.26 -3.21
N LEU A 77 2.54 -2.78 -2.30
CA LEU A 77 2.70 -1.45 -1.68
C LEU A 77 4.00 -1.41 -0.89
N VAL A 78 4.25 -2.46 -0.12
CA VAL A 78 5.45 -2.52 0.75
C VAL A 78 6.70 -2.60 -0.15
N LYS A 79 6.70 -3.48 -1.17
CA LYS A 79 7.87 -3.61 -2.08
C LYS A 79 8.19 -2.23 -2.70
N ALA A 80 7.18 -1.54 -3.18
CA ALA A 80 7.32 -0.26 -3.88
C ALA A 80 7.89 0.77 -2.90
N TYR A 81 7.38 0.78 -1.67
CA TYR A 81 7.79 1.76 -0.64
C TYR A 81 9.27 1.58 -0.32
N LEU A 82 9.70 0.33 -0.17
CA LEU A 82 11.11 0.03 0.18
C LEU A 82 12.01 0.40 -1.01
N LYS A 83 11.62 0.00 -2.20
CA LYS A 83 12.35 0.36 -3.44
C LYS A 83 12.53 1.88 -3.54
N ASN A 84 11.44 2.65 -3.42
CA ASN A 84 11.42 4.10 -3.78
C ASN A 84 12.10 4.90 -2.67
N ASN A 85 12.25 4.33 -1.48
CA ASN A 85 12.95 4.95 -0.33
C ASN A 85 14.36 4.37 -0.19
N GLU A 86 14.81 3.59 -1.19
CA GLU A 86 16.10 2.85 -1.24
C GLU A 86 16.37 2.13 0.08
N ILE A 87 15.35 1.48 0.63
CA ILE A 87 15.50 0.63 1.83
C ILE A 87 15.86 -0.79 1.36
N GLY A 88 17.04 -1.28 1.76
CA GLY A 88 17.52 -2.65 1.45
C GLY A 88 17.86 -2.83 -0.02
N ASP B 5 4.69 21.55 -8.72
CA ASP B 5 5.36 22.77 -9.23
C ASP B 5 5.43 23.87 -8.16
N GLN B 6 4.32 24.23 -7.53
CA GLN B 6 4.24 25.41 -6.62
C GLN B 6 5.05 25.12 -5.34
N THR B 7 5.66 26.16 -4.78
CA THR B 7 6.42 26.04 -3.50
C THR B 7 5.44 25.79 -2.36
N MET B 8 5.80 24.86 -1.48
CA MET B 8 4.97 24.46 -0.33
C MET B 8 5.51 25.19 0.91
N PHE B 9 4.60 25.67 1.74
CA PHE B 9 4.98 26.20 3.07
C PHE B 9 5.28 25.03 4.01
N TYR B 10 6.36 25.17 4.79
CA TYR B 10 6.72 24.19 5.82
C TYR B 10 6.40 24.77 7.20
N ASN B 11 5.46 24.11 7.89
CA ASN B 11 5.08 24.37 9.29
C ASN B 11 5.79 23.30 10.12
N PHE B 12 6.59 23.66 11.13
CA PHE B 12 7.21 22.62 12.00
C PHE B 12 6.21 21.50 12.31
N GLY B 13 6.60 20.27 11.96
CA GLY B 13 5.84 19.03 12.22
C GLY B 13 4.91 18.66 11.08
N ASP B 14 4.91 19.42 9.96
CA ASP B 14 4.01 19.22 8.79
C ASP B 14 4.11 17.80 8.23
N ASP B 15 5.33 17.27 8.11
CA ASP B 15 5.59 16.00 7.38
C ASP B 15 5.73 14.86 8.37
N SER B 16 5.21 15.02 9.59
CA SER B 16 5.52 14.19 10.77
C SER B 16 5.09 12.75 10.48
N ILE B 17 3.89 12.51 9.93
CA ILE B 17 3.46 11.10 9.68
C ILE B 17 4.36 10.51 8.58
N GLU B 18 4.56 11.22 7.47
CA GLU B 18 5.44 10.72 6.38
C GLU B 18 6.81 10.43 6.98
N GLU B 19 7.35 11.34 7.78
CA GLU B 19 8.75 11.15 8.27
C GLU B 19 8.79 10.04 9.33
N ASP B 20 7.76 9.97 10.17
CA ASP B 20 7.61 8.97 11.25
C ASP B 20 7.59 7.58 10.61
N VAL B 21 6.75 7.40 9.60
CA VAL B 21 6.62 6.06 8.95
C VAL B 21 7.94 5.72 8.25
N LYS B 22 8.59 6.67 7.61
CA LYS B 22 9.88 6.42 6.90
C LYS B 22 10.92 5.92 7.92
N LYS B 23 11.05 6.64 9.04
CA LYS B 23 12.01 6.34 10.11
C LYS B 23 11.73 4.91 10.59
N LEU B 24 10.47 4.64 10.87
CA LEU B 24 10.00 3.36 11.46
C LEU B 24 10.29 2.23 10.47
N MET B 25 9.94 2.44 9.20
CA MET B 25 10.10 1.37 8.20
C MET B 25 11.60 1.04 8.02
N LYS B 26 12.46 2.06 8.03
CA LYS B 26 13.92 1.84 7.94
C LYS B 26 14.34 0.94 9.10
N GLN B 27 13.91 1.25 10.31
CA GLN B 27 14.39 0.49 11.50
C GLN B 27 13.79 -0.92 11.52
N VAL B 28 12.51 -1.02 11.19
CA VAL B 28 11.80 -2.31 11.17
C VAL B 28 12.47 -3.21 10.11
N TYR B 29 12.80 -2.66 8.94
CA TYR B 29 13.46 -3.44 7.87
C TYR B 29 14.78 -4.02 8.40
N VAL B 30 15.57 -3.18 9.06
CA VAL B 30 16.89 -3.58 9.58
C VAL B 30 16.66 -4.68 10.62
N ALA B 31 15.70 -4.49 11.53
CA ALA B 31 15.44 -5.49 12.61
C ALA B 31 15.13 -6.85 11.96
N LEU B 32 14.31 -6.83 10.93
CA LEU B 32 13.82 -8.07 10.30
C LEU B 32 15.00 -8.73 9.59
N GLU B 33 15.76 -7.98 8.81
CA GLU B 33 16.87 -8.56 7.99
C GLU B 33 17.92 -9.16 8.95
N GLU B 34 18.24 -8.44 10.02
CA GLU B 34 19.31 -8.86 10.97
C GLU B 34 18.93 -10.19 11.64
N LYS B 35 17.65 -10.45 11.86
CA LYS B 35 17.12 -11.68 12.51
C LYS B 35 16.75 -12.77 11.49
N GLY B 36 17.03 -12.53 10.21
CA GLY B 36 16.94 -13.56 9.16
C GLY B 36 15.56 -13.69 8.54
N TYR B 37 14.66 -12.77 8.84
CA TYR B 37 13.29 -12.73 8.29
C TYR B 37 13.34 -12.15 6.88
N ASN B 38 12.24 -12.45 6.17
CA ASN B 38 11.89 -11.83 4.89
C ASN B 38 11.11 -10.58 5.26
N PRO B 39 11.73 -9.38 5.16
CA PRO B 39 11.09 -8.16 5.68
C PRO B 39 9.71 -7.93 5.03
N VAL B 40 9.57 -8.12 3.72
CA VAL B 40 8.24 -7.90 3.08
C VAL B 40 7.20 -8.85 3.69
N ASN B 41 7.50 -10.15 3.81
CA ASN B 41 6.57 -11.16 4.38
C ASN B 41 6.10 -10.67 5.75
N GLN B 42 7.04 -10.29 6.62
CA GLN B 42 6.66 -9.99 8.01
C GLN B 42 5.85 -8.69 8.06
N ILE B 43 6.24 -7.70 7.32
CA ILE B 43 5.49 -6.39 7.35
C ILE B 43 4.06 -6.61 6.81
N VAL B 44 3.90 -7.35 5.71
CA VAL B 44 2.57 -7.71 5.16
C VAL B 44 1.74 -8.46 6.21
N GLY B 45 2.32 -9.50 6.84
CA GLY B 45 1.61 -10.28 7.87
C GLY B 45 1.12 -9.36 8.96
N TYR B 46 1.96 -8.46 9.43
CA TYR B 46 1.57 -7.49 10.50
C TYR B 46 0.43 -6.58 10.02
N LEU B 47 0.58 -6.03 8.84
CA LEU B 47 -0.38 -5.00 8.39
C LEU B 47 -1.72 -5.67 8.13
N LEU B 48 -1.75 -6.92 7.68
CA LEU B 48 -3.02 -7.63 7.36
C LEU B 48 -3.70 -8.07 8.67
N SER B 49 -2.92 -8.53 9.64
CA SER B 49 -3.46 -9.23 10.83
C SER B 49 -3.57 -8.29 12.03
N GLY B 50 -2.74 -7.25 12.10
CA GLY B 50 -2.55 -6.42 13.31
C GLY B 50 -1.85 -7.17 14.44
N ASP B 51 -1.26 -8.35 14.16
CA ASP B 51 -0.60 -9.18 15.20
C ASP B 51 0.86 -8.74 15.30
N PRO B 52 1.23 -8.05 16.39
CA PRO B 52 2.60 -7.53 16.53
C PRO B 52 3.66 -8.65 16.58
N ALA B 53 3.27 -9.91 16.83
CA ALA B 53 4.21 -11.03 16.97
C ALA B 53 4.85 -11.37 15.62
N TYR B 54 4.41 -10.76 14.52
CA TYR B 54 5.11 -10.90 13.22
C TYR B 54 6.32 -9.99 13.13
N ILE B 55 6.51 -9.11 14.10
CA ILE B 55 7.63 -8.14 14.13
C ILE B 55 8.54 -8.50 15.30
N PRO B 56 9.87 -8.55 15.05
CA PRO B 56 10.83 -8.89 16.09
C PRO B 56 10.87 -7.86 17.22
N ARG B 57 11.16 -8.32 18.42
CA ARG B 57 11.51 -7.42 19.54
C ARG B 57 12.87 -6.76 19.31
N HIS B 58 13.72 -7.34 18.45
CA HIS B 58 15.06 -6.84 18.12
C HIS B 58 14.94 -5.36 17.74
N LYS B 59 15.83 -4.52 18.25
CA LYS B 59 15.95 -3.09 17.91
C LYS B 59 14.67 -2.38 18.36
N ASP B 60 13.91 -2.98 19.25
CA ASP B 60 12.61 -2.43 19.72
C ASP B 60 11.62 -2.34 18.55
N ALA B 61 11.75 -3.17 17.50
CA ALA B 61 10.91 -3.01 16.29
C ALA B 61 9.44 -3.21 16.65
N ARG B 62 9.14 -4.20 17.48
CA ARG B 62 7.75 -4.54 17.83
C ARG B 62 7.15 -3.35 18.62
N SER B 63 7.82 -2.85 19.64
CA SER B 63 7.23 -1.77 20.47
C SER B 63 7.05 -0.53 19.58
N MET B 64 8.00 -0.25 18.68
CA MET B 64 7.96 0.98 17.86
C MET B 64 6.77 0.89 16.90
N ILE B 65 6.58 -0.27 16.27
CA ILE B 65 5.47 -0.42 15.29
C ILE B 65 4.12 -0.32 16.03
N ARG B 66 4.04 -0.76 17.29
CA ARG B 66 2.79 -0.74 18.07
C ARG B 66 2.44 0.68 18.48
N ARG B 67 3.36 1.64 18.31
CA ARG B 67 3.09 3.03 18.77
C ARG B 67 2.39 3.81 17.66
N LEU B 68 2.38 3.31 16.43
CA LEU B 68 1.62 3.90 15.30
C LEU B 68 0.39 3.05 15.02
N GLU B 69 -0.69 3.69 14.59
CA GLU B 69 -1.89 2.99 14.07
C GLU B 69 -1.48 2.29 12.79
N ARG B 70 -1.92 1.04 12.56
CA ARG B 70 -1.67 0.36 11.25
C ARG B 70 -2.23 1.26 10.15
N ASP B 71 -3.35 1.96 10.40
CA ASP B 71 -3.96 2.75 9.30
C ASP B 71 -2.97 3.85 8.85
N GLU B 72 -2.15 4.38 9.77
CA GLU B 72 -1.17 5.44 9.45
C GLU B 72 -0.05 4.85 8.57
N ILE B 73 0.42 3.64 8.88
CA ILE B 73 1.47 3.01 8.03
C ILE B 73 0.90 2.72 6.64
N ILE B 74 -0.29 2.14 6.57
CA ILE B 74 -0.94 1.85 5.27
C ILE B 74 -1.17 3.15 4.50
N GLU B 75 -1.66 4.20 5.16
CA GLU B 75 -1.86 5.52 4.51
C GLU B 75 -0.58 5.95 3.79
N GLU B 76 0.56 5.91 4.49
CA GLU B 76 1.85 6.35 3.88
C GLU B 76 2.25 5.41 2.75
N LEU B 77 2.06 4.09 2.89
CA LEU B 77 2.37 3.16 1.76
C LEU B 77 1.54 3.54 0.54
N VAL B 78 0.27 3.82 0.74
CA VAL B 78 -0.65 4.17 -0.37
C VAL B 78 -0.21 5.51 -0.95
N LYS B 79 0.00 6.55 -0.15
CA LYS B 79 0.39 7.87 -0.68
C LYS B 79 1.69 7.81 -1.48
N ALA B 80 2.68 7.07 -0.96
CA ALA B 80 3.98 6.87 -1.60
C ALA B 80 3.76 6.19 -2.96
N TYR B 81 2.87 5.19 -3.00
CA TYR B 81 2.68 4.37 -4.23
C TYR B 81 2.08 5.24 -5.33
N LEU B 82 1.07 6.02 -4.97
CA LEU B 82 0.37 6.88 -5.96
C LEU B 82 1.38 7.86 -6.54
N LYS B 83 2.17 8.50 -5.66
CA LYS B 83 3.12 9.56 -6.04
C LYS B 83 4.18 8.97 -6.97
N ASN B 84 4.70 7.78 -6.65
CA ASN B 84 5.84 7.17 -7.36
C ASN B 84 5.35 6.52 -8.66
N ASN B 85 4.04 6.34 -8.79
CA ASN B 85 3.39 5.80 -10.02
C ASN B 85 2.68 6.90 -10.82
N GLU B 86 3.00 8.17 -10.54
CA GLU B 86 2.46 9.36 -11.24
C GLU B 86 0.92 9.36 -11.18
N ILE B 87 0.30 8.77 -10.15
CA ILE B 87 -1.19 8.82 -10.02
C ILE B 87 -1.50 10.04 -9.13
N GLY B 88 -2.24 11.02 -9.66
CA GLY B 88 -2.46 12.33 -9.00
S SO4 C . -5.63 -8.33 -18.46
O1 SO4 C . -7.05 -8.21 -18.31
O2 SO4 C . -5.06 -8.79 -17.22
O3 SO4 C . -5.32 -9.24 -19.53
O4 SO4 C . -5.06 -7.04 -18.78
S SO4 D . -9.09 -10.73 0.84
O1 SO4 D . -9.81 -9.47 0.92
O2 SO4 D . -8.86 -11.22 2.14
O3 SO4 D . -9.85 -11.66 0.12
O4 SO4 D . -7.86 -10.51 0.19
S SO4 E . 8.30 30.31 -6.47
O1 SO4 E . 9.39 31.14 -6.91
O2 SO4 E . 8.27 30.30 -5.00
O3 SO4 E . 8.44 28.92 -6.96
O4 SO4 E . 7.06 30.89 -6.95
S SO4 F . -4.57 -2.71 15.27
O1 SO4 F . -4.26 -1.34 15.65
O2 SO4 F . -4.63 -3.53 16.44
O3 SO4 F . -5.86 -2.74 14.60
O4 SO4 F . -3.56 -3.20 14.39
#